data_2ZOO
#
_entry.id   2ZOO
#
_cell.length_a   180.338
_cell.length_b   180.338
_cell.length_c   180.338
_cell.angle_alpha   90.00
_cell.angle_beta   90.00
_cell.angle_gamma   90.00
#
_symmetry.space_group_name_H-M   'P 41 3 2'
#
loop_
_entity.id
_entity.type
_entity.pdbx_description
1 polymer 'Probable nitrite reductase'
2 branched beta-D-fructofuranose-(2-1)-alpha-D-glucopyranose
3 non-polymer 'COPPER (II) ION'
4 non-polymer 'PROTOPORPHYRIN IX CONTAINING FE'
5 non-polymer 'SULFATE ION'
6 water water
#
_entity_poly.entity_id   1
_entity_poly.type   'polypeptide(L)'
_entity_poly.pdbx_seq_one_letter_code
;ASNLKTEQAILTPPPMVPPAINRDHSAKVVINLETREQVGRIADGVEYVFWSFGETVPGSFIRVREGDEIEFNLSNHPSS
KMPHNIDLHAVTGPGGGAESSFTAPGHTSTFNFKALNPGLYIYHCATAPVGMHIANGMYGLILVEPKEGLAPVDREYYLV
QGDFYTKGEFGEAGLQPFDMAKAIDEDADYVVFNGSVGSTTDENSLTAKVGETVRLYIGNGGPNLVSSFHVIGEIFDTVY
VEGGSLKNHNVQTTLIPAGGAAIVEFKVEVPGTFILVDHSIFRAFNKGALAMLKVEGPDDHSIFTGKTAENVYLPEGSAI
QSLDNTFTKITANNKDEQIRFGQRVYEANCMACHQANGEGIPGAFPPLAKSDYLNNNPLLGVNAIIKGLSGPIKVNNVNY
NGVMPAMNLNDEDIANVITFVLNNWDNAGGKVSAEQVAKQRK
;
_entity_poly.pdbx_strand_id   A
#
# COMPACT_ATOMS: atom_id res chain seq x y z
N LEU A 4 7.88 3.05 -43.14
CA LEU A 4 7.50 2.19 -41.95
C LEU A 4 6.45 1.15 -42.27
N LYS A 5 6.81 -0.11 -42.07
CA LYS A 5 5.87 -1.22 -42.22
C LYS A 5 4.92 -1.25 -41.02
N THR A 6 3.69 -1.70 -41.22
CA THR A 6 2.77 -1.86 -40.11
C THR A 6 2.77 -3.30 -39.60
N GLU A 7 2.76 -3.44 -38.29
CA GLU A 7 2.63 -4.74 -37.68
C GLU A 7 1.54 -4.77 -36.61
N GLN A 8 1.00 -5.95 -36.39
CA GLN A 8 -0.03 -6.19 -35.39
C GLN A 8 0.65 -6.50 -34.08
N ALA A 9 0.30 -5.79 -33.00
CA ALA A 9 0.88 -6.13 -31.70
C ALA A 9 0.35 -7.49 -31.26
N ILE A 10 1.23 -8.33 -30.77
CA ILE A 10 0.86 -9.58 -30.13
C ILE A 10 0.66 -9.31 -28.65
N LEU A 11 -0.57 -9.39 -28.17
CA LEU A 11 -0.87 -9.12 -26.77
C LEU A 11 -0.95 -10.43 -26.01
N THR A 12 -0.37 -10.47 -24.81
CA THR A 12 -0.38 -11.70 -24.03
C THR A 12 -1.09 -11.54 -22.67
N PRO A 13 -1.83 -12.58 -22.25
CA PRO A 13 -2.44 -12.51 -20.93
C PRO A 13 -1.39 -12.79 -19.82
N PRO A 14 -1.61 -12.24 -18.61
CA PRO A 14 -0.70 -12.51 -17.50
C PRO A 14 -0.71 -14.01 -17.20
N PRO A 15 0.42 -14.59 -16.74
CA PRO A 15 1.70 -13.96 -16.45
C PRO A 15 2.65 -13.98 -17.65
N MET A 16 2.11 -14.14 -18.85
CA MET A 16 2.97 -14.26 -20.04
C MET A 16 3.33 -12.91 -20.70
N VAL A 17 4.46 -12.89 -21.39
CA VAL A 17 5.04 -11.69 -21.98
C VAL A 17 5.23 -11.98 -23.48
N PRO A 18 4.94 -10.99 -24.37
CA PRO A 18 5.24 -11.20 -25.81
C PRO A 18 6.74 -11.41 -26.02
N PRO A 19 7.09 -12.04 -27.14
CA PRO A 19 8.52 -12.20 -27.45
C PRO A 19 9.24 -10.87 -27.64
N ALA A 20 10.54 -10.87 -27.45
CA ALA A 20 11.38 -9.72 -27.71
C ALA A 20 11.17 -9.17 -29.13
N ILE A 21 11.21 -7.86 -29.29
CA ILE A 21 11.04 -7.25 -30.61
C ILE A 21 12.19 -7.75 -31.50
N ASN A 22 11.84 -8.14 -32.73
CA ASN A 22 12.81 -8.73 -33.67
C ASN A 22 13.10 -7.78 -34.84
N ARG A 23 13.45 -6.54 -34.51
CA ARG A 23 13.57 -5.46 -35.46
C ARG A 23 14.66 -4.55 -34.95
N ASP A 24 15.54 -4.16 -35.86
CA ASP A 24 16.61 -3.21 -35.64
C ASP A 24 16.14 -1.77 -35.96
N HIS A 25 14.83 -1.58 -36.14
CA HIS A 25 14.28 -0.33 -36.67
C HIS A 25 12.81 -0.17 -36.26
N SER A 26 12.27 1.02 -36.50
CA SER A 26 10.89 1.34 -36.13
C SER A 26 9.83 0.74 -37.03
N ALA A 27 8.65 0.52 -36.46
CA ALA A 27 7.48 0.08 -37.22
C ALA A 27 6.25 0.86 -36.77
N LYS A 28 5.18 0.76 -37.56
CA LYS A 28 3.89 1.23 -37.13
C LYS A 28 3.18 0.03 -36.50
N VAL A 29 2.87 0.15 -35.21
CA VAL A 29 2.29 -0.98 -34.46
C VAL A 29 0.82 -0.70 -34.22
N VAL A 30 -0.03 -1.65 -34.62
CA VAL A 30 -1.47 -1.51 -34.44
C VAL A 30 -1.88 -2.37 -33.24
N ILE A 31 -2.51 -1.72 -32.27
CA ILE A 31 -3.01 -2.40 -31.06
C ILE A 31 -4.53 -2.40 -31.08
N ASN A 32 -5.12 -3.58 -30.87
CA ASN A 32 -6.56 -3.67 -30.73
C ASN A 32 -6.88 -4.25 -29.37
N LEU A 33 -7.48 -3.44 -28.51
CA LEU A 33 -7.75 -3.84 -27.14
C LEU A 33 -9.21 -3.61 -26.88
N GLU A 34 -9.85 -4.50 -26.12
CA GLU A 34 -11.26 -4.36 -25.82
C GLU A 34 -11.45 -4.24 -24.31
N THR A 35 -12.51 -3.59 -23.88
CA THR A 35 -12.81 -3.49 -22.46
C THR A 35 -14.02 -4.34 -22.13
N ARG A 36 -13.91 -5.07 -21.02
CA ARG A 36 -14.93 -6.00 -20.61
C ARG A 36 -15.28 -5.83 -19.14
N GLU A 37 -16.53 -6.16 -18.81
CA GLU A 37 -17.00 -6.27 -17.44
C GLU A 37 -17.53 -7.69 -17.29
N GLN A 38 -16.98 -8.47 -16.35
CA GLN A 38 -17.49 -9.81 -16.15
C GLN A 38 -17.16 -10.34 -14.76
N VAL A 39 -18.01 -11.25 -14.29
CA VAL A 39 -17.76 -11.91 -13.01
C VAL A 39 -16.56 -12.84 -13.10
N GLY A 40 -15.72 -12.78 -12.08
CA GLY A 40 -14.65 -13.74 -11.92
C GLY A 40 -14.50 -14.08 -10.44
N ARG A 41 -13.70 -15.10 -10.17
CA ARG A 41 -13.34 -15.49 -8.82
C ARG A 41 -12.33 -14.48 -8.25
N ILE A 42 -12.54 -14.06 -7.01
CA ILE A 42 -11.49 -13.28 -6.31
C ILE A 42 -10.78 -14.13 -5.22
N ALA A 43 -11.50 -15.11 -4.67
CA ALA A 43 -10.97 -16.10 -3.73
C ALA A 43 -11.93 -17.29 -3.77
N ASP A 44 -11.56 -18.43 -3.19
CA ASP A 44 -12.44 -19.60 -3.30
C ASP A 44 -13.82 -19.29 -2.71
N GLY A 45 -14.85 -19.44 -3.55
CA GLY A 45 -16.23 -19.20 -3.14
C GLY A 45 -16.66 -17.75 -3.23
N VAL A 46 -15.72 -16.84 -3.53
CA VAL A 46 -16.02 -15.41 -3.57
C VAL A 46 -15.90 -14.94 -5.01
N GLU A 47 -16.89 -14.21 -5.47
CA GLU A 47 -16.85 -13.69 -6.84
C GLU A 47 -16.89 -12.19 -6.82
N TYR A 48 -16.51 -11.57 -7.94
CA TYR A 48 -16.41 -10.10 -8.02
C TYR A 48 -16.58 -9.73 -9.49
N VAL A 49 -17.19 -8.58 -9.77
CA VAL A 49 -17.29 -8.11 -11.16
C VAL A 49 -16.01 -7.36 -11.52
N PHE A 50 -15.14 -8.02 -12.28
CA PHE A 50 -13.90 -7.41 -12.72
C PHE A 50 -14.16 -6.62 -13.97
N TRP A 51 -13.55 -5.44 -14.06
CA TRP A 51 -13.53 -4.65 -15.29
C TRP A 51 -12.10 -4.73 -15.79
N SER A 52 -11.93 -4.96 -17.09
CA SER A 52 -10.64 -5.32 -17.59
C SER A 52 -10.38 -4.83 -19.01
N PHE A 53 -9.10 -4.66 -19.32
CA PHE A 53 -8.64 -4.51 -20.70
C PHE A 53 -8.33 -5.93 -21.21
N GLY A 54 -9.03 -6.37 -22.24
CA GLY A 54 -8.92 -7.75 -22.71
C GLY A 54 -9.23 -8.95 -21.81
N GLU A 55 -10.28 -8.94 -21.03
CA GLU A 55 -10.63 -10.26 -20.34
C GLU A 55 -9.85 -10.61 -19.06
N THR A 56 -8.65 -10.06 -18.86
CA THR A 56 -7.85 -10.41 -17.69
C THR A 56 -7.51 -9.20 -16.81
N VAL A 57 -7.26 -9.47 -15.52
CA VAL A 57 -6.70 -8.49 -14.57
C VAL A 57 -5.32 -9.03 -14.10
N PRO A 58 -4.21 -8.33 -14.44
CA PRO A 58 -4.09 -7.13 -15.23
C PRO A 58 -4.39 -7.43 -16.69
N GLY A 59 -4.51 -6.38 -17.50
CA GLY A 59 -4.88 -6.50 -18.90
C GLY A 59 -3.75 -7.06 -19.72
N SER A 60 -3.98 -7.18 -21.03
CA SER A 60 -2.99 -7.76 -21.92
C SER A 60 -1.69 -6.97 -21.91
N PHE A 61 -0.57 -7.70 -21.94
CA PHE A 61 0.75 -7.08 -21.96
C PHE A 61 1.00 -6.61 -23.41
N ILE A 62 1.49 -5.39 -23.52
CA ILE A 62 1.84 -4.79 -24.81
C ILE A 62 3.35 -4.60 -24.85
N ARG A 63 3.99 -4.98 -25.96
CA ARG A 63 5.44 -4.86 -26.10
C ARG A 63 5.77 -4.16 -27.42
N VAL A 64 6.44 -3.01 -27.33
CA VAL A 64 6.82 -2.20 -28.49
C VAL A 64 8.28 -1.77 -28.34
N ARG A 65 8.80 -1.10 -29.37
CA ARG A 65 10.15 -0.57 -29.34
C ARG A 65 10.13 0.95 -29.28
N GLU A 66 11.05 1.53 -28.51
CA GLU A 66 11.21 2.98 -28.46
C GLU A 66 11.27 3.54 -29.89
N GLY A 67 10.46 4.56 -30.14
CA GLY A 67 10.37 5.18 -31.48
C GLY A 67 9.27 4.65 -32.37
N ASP A 68 8.63 3.54 -31.97
CA ASP A 68 7.50 2.99 -32.75
C ASP A 68 6.34 3.96 -32.80
N GLU A 69 5.66 3.98 -33.96
CA GLU A 69 4.45 4.76 -34.13
C GLU A 69 3.31 3.84 -33.81
N ILE A 70 2.48 4.19 -32.85
CA ILE A 70 1.46 3.27 -32.38
C ILE A 70 0.09 3.77 -32.75
N GLU A 71 -0.71 2.90 -33.36
CA GLU A 71 -2.13 3.16 -33.53
C GLU A 71 -2.88 2.40 -32.45
N PHE A 72 -3.56 3.14 -31.58
CA PHE A 72 -4.22 2.51 -30.45
C PHE A 72 -5.72 2.47 -30.65
N ASN A 73 -6.26 1.27 -30.81
CA ASN A 73 -7.69 1.08 -30.97
C ASN A 73 -8.31 0.47 -29.71
N LEU A 74 -9.26 1.17 -29.10
CA LEU A 74 -9.95 0.62 -27.94
C LEU A 74 -11.42 0.41 -28.28
N SER A 75 -11.91 -0.78 -28.00
CA SER A 75 -13.29 -1.13 -28.31
C SER A 75 -13.98 -1.55 -27.01
N ASN A 76 -15.20 -1.08 -26.76
CA ASN A 76 -15.87 -1.43 -25.51
C ASN A 76 -17.02 -2.40 -25.84
N HIS A 77 -17.00 -3.60 -25.26
CA HIS A 77 -18.07 -4.58 -25.53
C HIS A 77 -19.46 -4.02 -25.23
N PRO A 78 -20.47 -4.37 -26.06
CA PRO A 78 -21.82 -3.84 -25.81
C PRO A 78 -22.46 -4.29 -24.50
N SER A 79 -21.99 -5.40 -23.93
CA SER A 79 -22.48 -5.84 -22.61
C SER A 79 -21.95 -4.98 -21.47
N SER A 80 -20.92 -4.18 -21.72
CA SER A 80 -20.44 -3.25 -20.67
C SER A 80 -21.53 -2.27 -20.30
N LYS A 81 -21.65 -1.97 -19.02
CA LYS A 81 -22.58 -0.98 -18.56
C LYS A 81 -21.99 0.42 -18.53
N MET A 82 -20.66 0.48 -18.44
CA MET A 82 -19.93 1.75 -18.28
C MET A 82 -19.13 2.08 -19.53
N PRO A 83 -18.90 3.38 -19.78
CA PRO A 83 -17.88 3.73 -20.75
C PRO A 83 -16.52 3.38 -20.16
N HIS A 84 -15.52 3.25 -21.02
CA HIS A 84 -14.14 3.03 -20.59
C HIS A 84 -13.21 3.78 -21.53
N ASN A 85 -11.99 4.03 -21.07
CA ASN A 85 -10.98 4.69 -21.87
C ASN A 85 -9.61 4.21 -21.40
N ILE A 86 -8.53 4.84 -21.84
CA ILE A 86 -7.20 4.38 -21.44
C ILE A 86 -6.23 5.55 -21.32
N ASP A 87 -5.42 5.49 -20.27
CA ASP A 87 -4.28 6.36 -20.04
C ASP A 87 -3.09 5.41 -19.98
N LEU A 88 -2.18 5.49 -20.95
CA LEU A 88 -0.95 4.70 -20.84
C LEU A 88 0.19 5.62 -20.42
N HIS A 89 0.95 5.20 -19.41
CA HIS A 89 2.05 6.04 -18.92
C HIS A 89 3.19 6.15 -19.94
N ALA A 90 3.17 5.31 -20.99
CA ALA A 90 4.12 5.36 -22.11
C ALA A 90 3.85 6.52 -23.08
N VAL A 91 2.65 7.09 -23.02
CA VAL A 91 2.29 8.17 -23.95
C VAL A 91 2.65 9.58 -23.51
N THR A 92 3.23 10.34 -24.45
CA THR A 92 3.44 11.75 -24.27
C THR A 92 2.27 12.43 -24.97
N GLY A 93 1.36 12.98 -24.17
CA GLY A 93 0.15 13.59 -24.71
C GLY A 93 -0.91 13.69 -23.64
N PRO A 94 -1.89 14.60 -23.82
CA PRO A 94 -2.87 14.88 -22.78
C PRO A 94 -3.62 13.63 -22.36
N GLY A 95 -3.75 13.47 -21.03
CA GLY A 95 -4.43 12.33 -20.45
C GLY A 95 -3.78 10.98 -20.69
N GLY A 96 -2.57 10.97 -21.25
CA GLY A 96 -1.95 9.70 -21.68
C GLY A 96 -2.83 8.94 -22.69
N GLY A 97 -3.75 9.65 -23.34
CA GLY A 97 -4.71 9.04 -24.28
C GLY A 97 -6.15 9.08 -23.80
N ALA A 98 -6.35 9.50 -22.53
CA ALA A 98 -7.69 9.46 -21.92
C ALA A 98 -8.77 10.26 -22.65
N GLU A 99 -8.43 11.48 -23.10
CA GLU A 99 -9.41 12.34 -23.78
C GLU A 99 -9.80 11.76 -25.12
N SER A 100 -8.88 10.98 -25.69
CA SER A 100 -8.94 10.53 -27.06
C SER A 100 -9.48 9.09 -27.21
N SER A 101 -9.77 8.43 -26.09
CA SER A 101 -10.13 7.02 -26.12
C SER A 101 -11.41 6.74 -25.36
N PHE A 102 -12.24 7.77 -25.15
CA PHE A 102 -13.46 7.63 -24.38
C PHE A 102 -14.50 6.82 -25.18
N THR A 103 -14.80 5.62 -24.69
CA THR A 103 -15.50 4.61 -25.50
C THR A 103 -16.73 4.06 -24.77
N ALA A 104 -17.91 4.50 -25.18
CA ALA A 104 -19.17 3.99 -24.65
C ALA A 104 -19.38 2.53 -25.04
N PRO A 105 -20.23 1.78 -24.29
CA PRO A 105 -20.46 0.36 -24.64
C PRO A 105 -20.93 0.19 -26.10
N GLY A 106 -20.30 -0.74 -26.81
CA GLY A 106 -20.63 -0.99 -28.23
C GLY A 106 -19.80 -0.18 -29.21
N HIS A 107 -18.97 0.74 -28.69
CA HIS A 107 -18.26 1.70 -29.52
C HIS A 107 -16.75 1.48 -29.59
N THR A 108 -16.08 2.27 -30.45
CA THR A 108 -14.64 2.18 -30.65
C THR A 108 -14.03 3.58 -30.76
N SER A 109 -12.77 3.68 -30.36
CA SER A 109 -11.96 4.89 -30.46
C SER A 109 -10.58 4.54 -30.92
N THR A 110 -9.93 5.50 -31.57
CA THR A 110 -8.60 5.33 -32.12
C THR A 110 -7.81 6.60 -31.86
N PHE A 111 -6.58 6.44 -31.37
CA PHE A 111 -5.62 7.55 -31.32
C PHE A 111 -4.26 7.01 -31.69
N ASN A 112 -3.31 7.90 -31.97
CA ASN A 112 -1.96 7.54 -32.37
C ASN A 112 -0.94 8.24 -31.51
N PHE A 113 0.17 7.57 -31.22
CA PHE A 113 1.23 8.20 -30.48
C PHE A 113 2.54 7.54 -30.84
N LYS A 114 3.62 8.27 -30.60
CA LYS A 114 4.95 7.69 -30.71
C LYS A 114 5.49 7.37 -29.33
N ALA A 115 6.08 6.19 -29.17
CA ALA A 115 6.65 5.78 -27.91
C ALA A 115 8.02 6.43 -27.76
N LEU A 116 8.08 7.59 -27.10
CA LEU A 116 9.34 8.33 -27.01
C LEU A 116 10.32 7.84 -25.93
N ASN A 117 9.82 7.18 -24.89
CA ASN A 117 10.67 6.84 -23.74
C ASN A 117 10.68 5.34 -23.48
N PRO A 118 11.87 4.72 -23.38
CA PRO A 118 11.87 3.29 -23.09
C PRO A 118 11.50 3.05 -21.61
N GLY A 119 10.98 1.88 -21.28
CA GLY A 119 10.66 1.57 -19.89
C GLY A 119 9.44 0.67 -19.80
N LEU A 120 9.07 0.35 -18.55
CA LEU A 120 7.93 -0.51 -18.31
C LEU A 120 6.85 0.35 -17.66
N TYR A 121 5.73 0.52 -18.37
CA TYR A 121 4.73 1.52 -18.02
C TYR A 121 3.38 0.90 -17.70
N ILE A 122 2.81 1.37 -16.60
CA ILE A 122 1.42 1.11 -16.26
C ILE A 122 0.51 1.78 -17.29
N TYR A 123 -0.59 1.10 -17.63
CA TYR A 123 -1.73 1.77 -18.24
C TYR A 123 -2.97 1.44 -17.42
N HIS A 124 -4.00 2.26 -17.52
CA HIS A 124 -5.22 2.03 -16.75
C HIS A 124 -6.36 2.83 -17.36
N CYS A 125 -7.57 2.53 -16.90
CA CYS A 125 -8.75 3.25 -17.31
C CYS A 125 -8.74 4.63 -16.62
N ALA A 126 -9.44 5.58 -17.24
CA ALA A 126 -9.43 6.98 -16.78
C ALA A 126 -10.85 7.54 -16.89
N THR A 127 -11.83 6.66 -16.66
CA THR A 127 -13.22 7.07 -16.73
C THR A 127 -13.77 7.32 -15.36
N ALA A 128 -14.55 8.40 -15.20
CA ALA A 128 -15.21 8.67 -13.92
C ALA A 128 -16.21 7.56 -13.58
N PRO A 129 -16.24 7.07 -12.32
CA PRO A 129 -15.35 7.44 -11.20
C PRO A 129 -14.00 6.73 -11.35
N VAL A 130 -12.92 7.49 -11.52
CA VAL A 130 -11.62 6.91 -11.91
C VAL A 130 -11.13 5.82 -10.92
N GLY A 131 -11.19 6.12 -9.61
CA GLY A 131 -10.72 5.15 -8.62
C GLY A 131 -11.50 3.84 -8.68
N MET A 132 -12.81 3.94 -8.92
CA MET A 132 -13.67 2.76 -9.07
C MET A 132 -13.25 1.89 -10.28
N HIS A 133 -13.04 2.52 -11.43
CA HIS A 133 -12.63 1.77 -12.64
C HIS A 133 -11.31 1.06 -12.40
N ILE A 134 -10.36 1.78 -11.80
CA ILE A 134 -9.07 1.17 -11.51
C ILE A 134 -9.20 0.07 -10.45
N ALA A 135 -9.96 0.33 -9.39
CA ALA A 135 -10.15 -0.65 -8.31
C ALA A 135 -10.81 -1.96 -8.80
N ASN A 136 -11.56 -1.86 -9.92
CA ASN A 136 -12.23 -3.04 -10.46
C ASN A 136 -11.33 -3.89 -11.36
N GLY A 137 -10.10 -3.44 -11.58
CA GLY A 137 -9.08 -4.24 -12.28
C GLY A 137 -8.55 -3.66 -13.59
N MET A 138 -8.93 -2.42 -13.91
CA MET A 138 -8.60 -1.84 -15.22
C MET A 138 -7.19 -1.24 -15.27
N TYR A 139 -6.19 -2.12 -15.34
CA TYR A 139 -4.79 -1.72 -15.41
C TYR A 139 -3.98 -2.82 -16.05
N GLY A 140 -2.82 -2.48 -16.59
CA GLY A 140 -1.94 -3.46 -17.23
C GLY A 140 -0.60 -2.82 -17.47
N LEU A 141 0.28 -3.49 -18.22
CA LEU A 141 1.60 -2.96 -18.48
C LEU A 141 1.87 -2.89 -20.00
N ILE A 142 2.59 -1.86 -20.39
CA ILE A 142 3.18 -1.76 -21.73
C ILE A 142 4.69 -1.57 -21.60
N LEU A 143 5.44 -2.47 -22.26
CA LEU A 143 6.89 -2.40 -22.28
C LEU A 143 7.34 -1.69 -23.56
N VAL A 144 8.10 -0.62 -23.40
CA VAL A 144 8.73 0.08 -24.51
C VAL A 144 10.20 -0.29 -24.42
N GLU A 145 10.63 -1.23 -25.27
CA GLU A 145 12.02 -1.67 -25.27
C GLU A 145 12.93 -0.52 -25.66
N PRO A 146 14.13 -0.45 -25.06
CA PRO A 146 15.11 0.48 -25.59
C PRO A 146 15.51 0.05 -27.00
N LYS A 147 15.95 1.01 -27.82
CA LYS A 147 16.32 0.73 -29.21
C LYS A 147 17.27 -0.47 -29.35
N GLU A 148 18.24 -0.57 -28.45
CA GLU A 148 19.19 -1.67 -28.48
C GLU A 148 18.59 -2.96 -27.93
N GLY A 149 17.38 -2.89 -27.36
CA GLY A 149 16.72 -4.07 -26.81
C GLY A 149 17.22 -4.39 -25.42
N LEU A 150 16.56 -5.34 -24.77
CA LEU A 150 16.98 -5.80 -23.44
C LEU A 150 17.78 -7.09 -23.60
N ALA A 151 18.63 -7.39 -22.64
CA ALA A 151 19.38 -8.65 -22.63
C ALA A 151 18.41 -9.82 -22.66
N PRO A 152 18.73 -10.88 -23.45
CA PRO A 152 17.86 -12.06 -23.44
C PRO A 152 17.94 -12.75 -22.08
N VAL A 153 16.83 -13.31 -21.62
CA VAL A 153 16.80 -14.07 -20.37
C VAL A 153 16.00 -15.34 -20.67
N ASP A 154 16.10 -16.32 -19.79
CA ASP A 154 15.41 -17.59 -19.97
C ASP A 154 13.92 -17.56 -19.71
N ARG A 155 13.49 -16.75 -18.73
CA ARG A 155 12.07 -16.68 -18.36
C ARG A 155 11.69 -15.23 -18.13
N GLU A 156 10.56 -14.81 -18.72
CA GLU A 156 9.99 -13.49 -18.48
C GLU A 156 8.57 -13.68 -18.01
N TYR A 157 8.22 -13.01 -16.91
CA TYR A 157 6.85 -13.09 -16.38
C TYR A 157 6.30 -11.72 -16.08
N TYR A 158 4.98 -11.64 -16.13
CA TYR A 158 4.20 -10.42 -16.01
C TYR A 158 3.29 -10.53 -14.79
N LEU A 159 3.52 -9.68 -13.78
CA LEU A 159 2.59 -9.61 -12.66
C LEU A 159 2.29 -8.17 -12.28
N VAL A 160 1.05 -7.92 -11.88
CA VAL A 160 0.66 -6.60 -11.39
C VAL A 160 -0.10 -6.77 -10.08
N GLN A 161 0.36 -6.06 -9.05
CA GLN A 161 -0.33 -6.06 -7.77
C GLN A 161 -1.52 -5.11 -7.81
N GLY A 162 -2.59 -5.48 -7.12
CA GLY A 162 -3.75 -4.60 -6.98
C GLY A 162 -4.37 -4.74 -5.59
N ASP A 163 -4.93 -3.63 -5.10
CA ASP A 163 -5.74 -3.64 -3.88
C ASP A 163 -7.22 -3.62 -4.26
N PHE A 164 -8.02 -4.47 -3.61
CA PHE A 164 -9.45 -4.61 -3.90
C PHE A 164 -10.27 -4.39 -2.66
N TYR A 165 -11.47 -3.85 -2.87
CA TYR A 165 -12.35 -3.33 -1.80
C TYR A 165 -13.75 -3.89 -2.02
N THR A 166 -14.19 -4.76 -1.10
CA THR A 166 -15.50 -5.39 -1.22
C THR A 166 -16.41 -4.99 -0.07
N LYS A 167 -17.72 -4.94 -0.30
CA LYS A 167 -18.67 -4.69 0.78
C LYS A 167 -18.48 -5.68 1.93
N GLY A 168 -18.31 -6.95 1.60
CA GLY A 168 -18.17 -7.98 2.63
C GLY A 168 -16.73 -8.13 3.06
N GLU A 169 -16.52 -8.88 4.14
CA GLU A 169 -15.16 -9.14 4.57
C GLU A 169 -14.47 -10.17 3.69
N PHE A 170 -13.14 -10.17 3.73
CA PHE A 170 -12.33 -11.18 3.06
C PHE A 170 -12.93 -12.59 3.23
N GLY A 171 -13.04 -13.32 2.12
CA GLY A 171 -13.45 -14.72 2.20
C GLY A 171 -14.96 -14.98 2.28
N GLU A 172 -15.77 -13.93 2.37
CA GLU A 172 -17.21 -14.11 2.49
C GLU A 172 -17.83 -14.57 1.17
N ALA A 173 -18.39 -15.79 1.15
CA ALA A 173 -18.92 -16.36 -0.10
C ALA A 173 -20.02 -15.52 -0.70
N GLY A 174 -20.06 -15.43 -2.02
CA GLY A 174 -21.10 -14.67 -2.70
C GLY A 174 -20.53 -13.81 -3.79
N LEU A 175 -21.38 -13.05 -4.46
CA LEU A 175 -20.93 -12.05 -5.45
C LEU A 175 -20.75 -10.70 -4.73
N GLN A 176 -19.49 -10.32 -4.51
CA GLN A 176 -19.16 -9.14 -3.69
C GLN A 176 -19.11 -7.85 -4.52
N PRO A 177 -19.86 -6.81 -4.12
CA PRO A 177 -19.79 -5.53 -4.80
C PRO A 177 -18.58 -4.72 -4.35
N PHE A 178 -18.17 -3.75 -5.16
CA PHE A 178 -17.09 -2.81 -4.82
C PHE A 178 -17.54 -1.92 -3.68
N ASP A 179 -16.65 -1.61 -2.73
CA ASP A 179 -17.01 -0.75 -1.59
C ASP A 179 -16.17 0.53 -1.67
N MET A 180 -16.74 1.61 -2.17
CA MET A 180 -15.98 2.86 -2.32
C MET A 180 -15.57 3.49 -1.00
N ALA A 181 -16.38 3.30 0.05
CA ALA A 181 -16.04 3.82 1.39
C ALA A 181 -14.69 3.23 1.88
N LYS A 182 -14.51 1.94 1.70
CA LYS A 182 -13.23 1.30 2.02
C LYS A 182 -12.10 1.81 1.11
N ALA A 183 -12.40 1.96 -0.18
CA ALA A 183 -11.40 2.36 -1.16
C ALA A 183 -10.86 3.77 -0.87
N ILE A 184 -11.78 4.68 -0.56
CA ILE A 184 -11.42 6.06 -0.23
C ILE A 184 -10.57 6.11 1.03
N ASP A 185 -10.87 5.23 1.97
CA ASP A 185 -10.10 5.12 3.20
C ASP A 185 -8.79 4.35 3.03
N GLU A 186 -8.56 3.77 1.85
CA GLU A 186 -7.35 2.98 1.56
C GLU A 186 -7.27 1.73 2.46
N ASP A 187 -8.43 1.11 2.71
CA ASP A 187 -8.52 -0.02 3.64
C ASP A 187 -8.92 -1.28 2.87
N ALA A 188 -7.92 -1.99 2.33
CA ALA A 188 -8.14 -3.07 1.37
C ALA A 188 -8.55 -4.35 2.04
N ASP A 189 -9.48 -5.06 1.41
CA ASP A 189 -9.87 -6.41 1.85
C ASP A 189 -8.96 -7.46 1.25
N TYR A 190 -8.58 -7.25 -0.01
CA TYR A 190 -7.69 -8.15 -0.74
C TYR A 190 -6.54 -7.33 -1.28
N VAL A 191 -5.36 -7.92 -1.25
CA VAL A 191 -4.20 -7.39 -1.99
C VAL A 191 -3.69 -8.60 -2.75
N VAL A 192 -3.58 -8.48 -4.07
CA VAL A 192 -3.33 -9.65 -4.89
C VAL A 192 -2.37 -9.35 -6.02
N PHE A 193 -1.72 -10.39 -6.54
CA PHE A 193 -1.10 -10.32 -7.86
C PHE A 193 -2.04 -10.92 -8.88
N ASN A 194 -2.11 -10.30 -10.06
CA ASN A 194 -2.86 -10.88 -11.17
C ASN A 194 -4.30 -11.24 -10.82
N GLY A 195 -4.97 -10.33 -10.12
CA GLY A 195 -6.43 -10.33 -10.10
C GLY A 195 -7.17 -11.21 -9.13
N SER A 196 -6.48 -12.06 -8.37
CA SER A 196 -7.20 -12.86 -7.35
C SER A 196 -6.26 -13.55 -6.39
N VAL A 197 -6.80 -13.97 -5.25
CA VAL A 197 -6.06 -14.77 -4.27
C VAL A 197 -5.77 -16.10 -4.93
N GLY A 198 -4.51 -16.55 -4.86
CA GLY A 198 -4.15 -17.83 -5.48
C GLY A 198 -4.13 -17.84 -7.00
N SER A 199 -4.08 -16.66 -7.62
CA SER A 199 -4.03 -16.57 -9.09
C SER A 199 -2.78 -17.25 -9.65
N THR A 200 -1.71 -17.20 -8.88
CA THR A 200 -0.41 -17.64 -9.38
C THR A 200 0.37 -18.50 -8.36
N THR A 201 -0.40 -19.39 -7.76
CA THR A 201 0.14 -20.37 -6.82
C THR A 201 -0.24 -21.79 -7.29
N ASP A 202 0.41 -22.79 -6.70
CA ASP A 202 0.17 -24.21 -7.01
C ASP A 202 0.32 -24.49 -8.51
N GLU A 203 -0.71 -25.04 -9.14
CA GLU A 203 -0.60 -25.40 -10.57
C GLU A 203 -0.49 -24.16 -11.47
N ASN A 204 -0.87 -23.01 -10.94
CA ASN A 204 -0.77 -21.75 -11.66
C ASN A 204 0.51 -20.95 -11.34
N SER A 205 1.50 -21.62 -10.72
CA SER A 205 2.78 -20.97 -10.40
C SER A 205 3.57 -20.57 -11.63
N LEU A 206 4.41 -19.55 -11.49
CA LEU A 206 5.47 -19.29 -12.46
C LEU A 206 6.48 -20.43 -12.36
N THR A 207 7.21 -20.72 -13.44
CA THR A 207 8.16 -21.84 -13.43
C THR A 207 9.49 -21.45 -14.02
N ALA A 208 10.54 -22.10 -13.54
CA ALA A 208 11.88 -21.93 -14.09
C ALA A 208 12.66 -23.20 -13.81
N LYS A 209 13.87 -23.25 -14.34
CA LYS A 209 14.79 -24.36 -14.08
C LYS A 209 16.07 -23.84 -13.46
N VAL A 210 16.67 -24.64 -12.56
CA VAL A 210 17.96 -24.31 -11.96
C VAL A 210 18.96 -23.83 -13.02
N GLY A 211 19.62 -22.69 -12.75
CA GLY A 211 20.61 -22.08 -13.64
C GLY A 211 20.07 -21.00 -14.57
N GLU A 212 18.75 -20.89 -14.67
CA GLU A 212 18.13 -19.91 -15.55
C GLU A 212 18.10 -18.49 -14.98
N THR A 213 18.14 -17.50 -15.88
CA THR A 213 17.87 -16.11 -15.50
C THR A 213 16.38 -15.81 -15.69
N VAL A 214 15.81 -15.17 -14.67
CA VAL A 214 14.40 -14.85 -14.63
C VAL A 214 14.29 -13.32 -14.60
N ARG A 215 13.40 -12.77 -15.41
CA ARG A 215 13.08 -11.36 -15.31
C ARG A 215 11.60 -11.22 -15.01
N LEU A 216 11.26 -10.39 -14.03
CA LEU A 216 9.85 -10.15 -13.72
C LEU A 216 9.55 -8.69 -14.06
N TYR A 217 8.51 -8.49 -14.86
CA TYR A 217 7.94 -7.18 -15.10
C TYR A 217 6.82 -6.99 -14.11
N ILE A 218 7.07 -6.18 -13.09
CA ILE A 218 6.15 -6.08 -11.96
C ILE A 218 5.54 -4.69 -11.93
N GLY A 219 4.23 -4.63 -12.03
CA GLY A 219 3.53 -3.36 -11.95
C GLY A 219 2.74 -3.29 -10.66
N ASN A 220 2.31 -2.09 -10.30
CA ASN A 220 1.39 -1.93 -9.18
C ASN A 220 0.28 -1.03 -9.68
N GLY A 221 -0.88 -1.62 -9.92
CA GLY A 221 -2.04 -0.89 -10.40
C GLY A 221 -2.70 -0.08 -9.29
N GLY A 222 -2.36 -0.36 -8.04
CA GLY A 222 -3.04 0.30 -6.92
C GLY A 222 -4.46 -0.26 -6.85
N PRO A 223 -5.49 0.58 -6.68
CA PRO A 223 -5.45 2.06 -6.79
C PRO A 223 -4.56 2.77 -5.77
N ASN A 224 -4.44 2.23 -4.55
CA ASN A 224 -3.89 3.01 -3.43
C ASN A 224 -2.57 2.58 -2.82
N LEU A 225 -2.31 1.29 -2.75
CA LEU A 225 -1.21 0.80 -1.92
C LEU A 225 0.10 0.80 -2.65
N VAL A 226 1.18 0.95 -1.88
CA VAL A 226 2.54 0.87 -2.39
C VAL A 226 3.10 -0.48 -1.95
N SER A 227 3.71 -1.20 -2.88
CA SER A 227 4.17 -2.58 -2.62
C SER A 227 5.61 -2.56 -2.12
N SER A 228 5.87 -3.27 -1.00
CA SER A 228 7.25 -3.57 -0.57
C SER A 228 7.57 -4.92 -1.19
N PHE A 229 8.00 -4.90 -2.45
CA PHE A 229 8.00 -6.12 -3.25
C PHE A 229 9.24 -6.99 -2.96
N HIS A 230 9.01 -8.28 -2.69
CA HIS A 230 10.05 -9.19 -2.22
C HIS A 230 9.78 -10.58 -2.80
N VAL A 231 10.83 -11.34 -3.07
CA VAL A 231 10.66 -12.74 -3.41
C VAL A 231 11.36 -13.53 -2.31
N ILE A 232 10.55 -14.26 -1.55
CA ILE A 232 11.05 -15.07 -0.45
C ILE A 232 12.01 -16.13 -0.96
N GLY A 233 13.22 -16.11 -0.41
CA GLY A 233 14.23 -17.10 -0.75
C GLY A 233 15.12 -16.65 -1.88
N GLU A 234 14.87 -15.44 -2.39
CA GLU A 234 15.71 -14.87 -3.46
C GLU A 234 16.15 -13.46 -3.14
N ILE A 235 17.17 -13.01 -3.87
CA ILE A 235 17.66 -11.65 -3.77
C ILE A 235 17.66 -11.10 -5.19
N PHE A 236 17.22 -9.87 -5.39
CA PHE A 236 17.24 -9.31 -6.74
C PHE A 236 18.67 -9.01 -7.15
N ASP A 237 19.13 -9.65 -8.23
CA ASP A 237 20.46 -9.34 -8.78
C ASP A 237 20.47 -7.94 -9.38
N THR A 238 19.39 -7.59 -10.06
CA THR A 238 19.25 -6.23 -10.59
C THR A 238 17.82 -5.77 -10.37
N VAL A 239 17.67 -4.52 -9.96
CA VAL A 239 16.37 -3.81 -9.98
C VAL A 239 16.52 -2.54 -10.83
N TYR A 240 15.64 -2.36 -11.80
CA TYR A 240 15.53 -1.08 -12.50
C TYR A 240 14.66 -0.18 -11.63
N VAL A 241 15.30 0.80 -11.00
CA VAL A 241 14.69 1.56 -9.93
C VAL A 241 13.45 2.28 -10.41
N GLU A 242 12.30 1.95 -9.82
CA GLU A 242 11.02 2.54 -10.21
C GLU A 242 10.75 2.45 -11.73
N GLY A 243 11.37 1.47 -12.38
CA GLY A 243 11.18 1.22 -13.80
C GLY A 243 12.05 2.11 -14.67
N GLY A 244 12.87 2.96 -14.04
CA GLY A 244 13.74 3.86 -14.78
C GLY A 244 15.02 3.23 -15.32
N SER A 245 15.95 4.08 -15.74
CA SER A 245 17.22 3.63 -16.31
C SER A 245 18.21 3.14 -15.24
N LEU A 246 18.04 3.59 -14.01
CA LEU A 246 18.98 3.30 -12.92
C LEU A 246 18.87 1.85 -12.47
N LYS A 247 20.01 1.17 -12.37
CA LYS A 247 20.03 -0.23 -11.97
C LYS A 247 20.63 -0.35 -10.58
N ASN A 248 19.89 -0.98 -9.67
CA ASN A 248 20.37 -1.28 -8.33
C ASN A 248 20.67 -2.79 -8.26
N HIS A 249 21.64 -3.21 -7.45
CA HIS A 249 21.98 -4.64 -7.38
C HIS A 249 21.95 -5.09 -5.96
N ASN A 250 21.66 -6.38 -5.77
CA ASN A 250 21.61 -7.01 -4.45
C ASN A 250 20.56 -6.38 -3.55
N VAL A 251 19.33 -6.30 -4.04
CA VAL A 251 18.23 -5.70 -3.30
C VAL A 251 17.29 -6.80 -2.82
N GLN A 252 16.97 -6.80 -1.53
CA GLN A 252 16.02 -7.80 -0.99
C GLN A 252 14.56 -7.44 -1.27
N THR A 253 14.23 -6.16 -1.19
CA THR A 253 12.84 -5.70 -1.20
C THR A 253 12.82 -4.29 -1.84
N THR A 254 11.95 -4.06 -2.82
CA THR A 254 11.91 -2.72 -3.46
C THR A 254 10.52 -2.18 -3.39
N LEU A 255 10.42 -0.87 -3.22
CA LEU A 255 9.13 -0.19 -3.22
C LEU A 255 8.63 0.06 -4.64
N ILE A 256 7.40 -0.37 -4.92
CA ILE A 256 6.78 -0.08 -6.22
C ILE A 256 5.63 0.88 -6.03
N PRO A 257 5.73 2.09 -6.62
CA PRO A 257 4.71 3.11 -6.36
C PRO A 257 3.36 2.65 -6.89
N ALA A 258 2.28 3.18 -6.31
CA ALA A 258 0.94 3.00 -6.92
C ALA A 258 1.00 3.68 -8.30
N GLY A 259 0.48 3.02 -9.33
CA GLY A 259 0.64 3.56 -10.70
C GLY A 259 2.11 3.54 -11.16
N GLY A 260 2.88 2.61 -10.61
CA GLY A 260 4.29 2.47 -10.93
C GLY A 260 4.66 1.04 -11.31
N ALA A 261 5.92 0.84 -11.65
CA ALA A 261 6.38 -0.48 -12.06
C ALA A 261 7.87 -0.60 -11.80
N ALA A 262 8.37 -1.83 -11.84
CA ALA A 262 9.81 -2.05 -11.80
C ALA A 262 10.11 -3.32 -12.58
N ILE A 263 11.36 -3.46 -13.02
CA ILE A 263 11.85 -4.73 -13.57
C ILE A 263 12.82 -5.28 -12.55
N VAL A 264 12.65 -6.54 -12.15
CA VAL A 264 13.65 -7.17 -11.32
C VAL A 264 14.18 -8.41 -12.05
N GLU A 265 15.44 -8.74 -11.79
CA GLU A 265 16.07 -9.90 -12.40
C GLU A 265 16.82 -10.69 -11.37
N PHE A 266 16.81 -12.02 -11.48
CA PHE A 266 17.68 -12.86 -10.67
C PHE A 266 17.90 -14.19 -11.38
N LYS A 267 19.07 -14.77 -11.16
CA LYS A 267 19.35 -16.13 -11.61
C LYS A 267 18.86 -17.08 -10.52
N VAL A 268 18.15 -18.13 -10.90
CA VAL A 268 17.68 -19.11 -9.93
C VAL A 268 18.68 -20.28 -9.86
N GLU A 269 19.22 -20.52 -8.66
CA GLU A 269 20.32 -21.48 -8.52
C GLU A 269 19.98 -22.67 -7.64
N VAL A 270 18.84 -22.60 -6.98
CA VAL A 270 18.42 -23.66 -6.09
C VAL A 270 16.98 -24.00 -6.40
N PRO A 271 16.64 -25.29 -6.40
CA PRO A 271 15.27 -25.70 -6.68
C PRO A 271 14.35 -25.43 -5.49
N GLY A 272 13.05 -25.34 -5.75
CA GLY A 272 12.06 -25.17 -4.68
C GLY A 272 11.02 -24.12 -5.05
N THR A 273 10.20 -23.73 -4.09
CA THR A 273 9.19 -22.71 -4.32
C THR A 273 9.64 -21.37 -3.72
N PHE A 274 9.63 -20.34 -4.56
CA PHE A 274 10.03 -18.99 -4.17
C PHE A 274 8.80 -18.12 -4.26
N ILE A 275 8.57 -17.30 -3.23
CA ILE A 275 7.25 -16.72 -3.00
C ILE A 275 7.29 -15.20 -3.16
N LEU A 276 6.64 -14.68 -4.18
CA LEU A 276 6.56 -13.24 -4.36
C LEU A 276 5.50 -12.70 -3.42
N VAL A 277 5.85 -11.64 -2.70
CA VAL A 277 4.95 -11.06 -1.69
C VAL A 277 5.02 -9.54 -1.71
N ASP A 278 3.99 -8.90 -1.16
CA ASP A 278 4.13 -7.54 -0.64
C ASP A 278 4.53 -7.75 0.82
N HIS A 279 5.71 -7.24 1.18
CA HIS A 279 6.27 -7.43 2.52
C HIS A 279 5.67 -6.52 3.61
N SER A 280 4.67 -5.70 3.27
CA SER A 280 3.76 -5.20 4.32
C SER A 280 2.92 -6.44 4.61
N ILE A 281 3.44 -7.25 5.53
CA ILE A 281 3.32 -8.72 5.42
C ILE A 281 1.93 -9.30 5.64
N PHE A 282 1.08 -8.61 6.39
CA PHE A 282 -0.31 -9.07 6.47
C PHE A 282 -1.00 -9.07 5.10
N ARG A 283 -0.52 -8.23 4.17
CA ARG A 283 -1.09 -8.24 2.82
C ARG A 283 -0.81 -9.57 2.12
N ALA A 284 0.32 -10.18 2.45
CA ALA A 284 0.73 -11.40 1.76
C ALA A 284 0.01 -12.62 2.32
N PHE A 285 0.21 -12.90 3.60
CA PHE A 285 -0.33 -14.15 4.19
C PHE A 285 -1.78 -14.08 4.61
N ASN A 286 -2.32 -12.87 4.70
CA ASN A 286 -3.71 -12.73 5.12
C ASN A 286 -4.58 -12.25 3.97
N LYS A 287 -4.13 -11.23 3.23
CA LYS A 287 -4.97 -10.59 2.18
C LYS A 287 -4.80 -11.10 0.75
N GLY A 288 -3.80 -11.94 0.51
CA GLY A 288 -3.66 -12.63 -0.80
C GLY A 288 -2.48 -12.26 -1.69
N ALA A 289 -1.61 -11.36 -1.23
CA ALA A 289 -0.45 -10.89 -2.05
C ALA A 289 0.68 -11.90 -1.97
N LEU A 290 0.48 -13.04 -2.63
CA LEU A 290 1.36 -14.19 -2.52
C LEU A 290 1.28 -14.94 -3.85
N ALA A 291 2.39 -14.99 -4.59
CA ALA A 291 2.48 -15.74 -5.84
C ALA A 291 3.69 -16.65 -5.76
N MET A 292 3.73 -17.70 -6.58
CA MET A 292 4.84 -18.64 -6.54
C MET A 292 5.64 -18.72 -7.82
N LEU A 293 6.95 -18.87 -7.66
CA LEU A 293 7.85 -19.24 -8.73
C LEU A 293 8.45 -20.59 -8.31
N LYS A 294 8.12 -21.66 -9.04
CA LYS A 294 8.62 -23.00 -8.72
C LYS A 294 9.78 -23.36 -9.63
N VAL A 295 10.93 -23.64 -9.02
CA VAL A 295 12.17 -23.86 -9.75
C VAL A 295 12.50 -25.35 -9.65
N GLU A 296 12.68 -25.98 -10.81
CA GLU A 296 12.96 -27.43 -10.88
C GLU A 296 14.38 -27.67 -11.30
N GLY A 297 14.99 -28.70 -10.75
CA GLY A 297 16.35 -29.09 -11.11
C GLY A 297 17.12 -29.64 -9.93
N PRO A 298 18.39 -29.96 -10.15
CA PRO A 298 19.20 -30.58 -9.08
C PRO A 298 19.53 -29.62 -7.93
N ASP A 299 19.49 -30.16 -6.71
CA ASP A 299 19.95 -29.46 -5.51
C ASP A 299 21.38 -28.98 -5.71
N ASP A 300 21.71 -27.86 -5.08
CA ASP A 300 23.09 -27.42 -4.98
C ASP A 300 23.37 -27.20 -3.51
N HIS A 301 23.95 -28.23 -2.87
CA HIS A 301 24.18 -28.21 -1.43
C HIS A 301 25.27 -27.24 -1.01
N SER A 302 26.08 -26.80 -1.97
CA SER A 302 27.04 -25.74 -1.65
C SER A 302 26.35 -24.40 -1.48
N ILE A 303 25.16 -24.22 -2.04
CA ILE A 303 24.40 -22.98 -1.89
C ILE A 303 23.39 -23.05 -0.73
N PHE A 304 22.66 -24.16 -0.65
CA PHE A 304 21.62 -24.36 0.34
C PHE A 304 21.41 -25.83 0.62
N THR A 305 21.48 -26.20 1.89
CA THR A 305 21.08 -27.54 2.29
C THR A 305 20.31 -27.52 3.62
N GLY A 306 19.12 -28.10 3.59
CA GLY A 306 18.29 -28.15 4.78
C GLY A 306 17.07 -29.02 4.53
N LYS A 307 16.35 -29.32 5.61
CA LYS A 307 15.12 -30.09 5.51
C LYS A 307 14.07 -29.26 4.81
N THR A 308 13.24 -29.92 4.02
CA THR A 308 12.42 -29.24 3.03
C THR A 308 11.07 -29.94 2.94
N ALA A 309 9.97 -29.18 2.98
CA ALA A 309 8.65 -29.83 3.10
C ALA A 309 7.38 -29.03 2.77
N GLU A 310 7.51 -27.80 2.30
CA GLU A 310 6.31 -27.02 1.93
C GLU A 310 5.12 -27.14 2.93
N ASN A 311 5.47 -27.05 4.20
CA ASN A 311 4.47 -27.04 5.27
C ASN A 311 4.47 -25.70 6.03
N VAL A 312 5.23 -24.72 5.52
CA VAL A 312 5.23 -23.35 6.10
C VAL A 312 4.95 -22.33 4.99
N TYR A 313 4.69 -21.09 5.41
CA TYR A 313 4.42 -20.00 4.47
C TYR A 313 3.14 -20.25 3.63
N LEU A 314 2.22 -21.02 4.19
CA LEU A 314 0.91 -21.25 3.57
C LEU A 314 0.00 -20.04 3.81
N PRO A 315 -0.98 -19.81 2.91
CA PRO A 315 -1.95 -18.72 3.13
C PRO A 315 -2.74 -18.93 4.44
N GLU A 316 -3.01 -17.85 5.15
CA GLU A 316 -3.61 -17.91 6.50
C GLU A 316 -5.03 -17.37 6.59
N GLY A 317 -5.48 -16.67 5.56
CA GLY A 317 -6.80 -16.02 5.62
C GLY A 317 -6.79 -14.78 6.50
N SER A 318 -7.94 -14.14 6.64
CA SER A 318 -8.00 -12.86 7.34
C SER A 318 -8.85 -12.89 8.61
N ALA A 319 -9.13 -14.08 9.15
CA ALA A 319 -9.89 -14.17 10.39
C ALA A 319 -9.01 -13.62 11.49
N ILE A 320 -9.62 -13.03 12.51
CA ILE A 320 -8.82 -12.45 13.59
C ILE A 320 -8.47 -13.56 14.60
N GLN A 321 -7.18 -13.78 14.82
CA GLN A 321 -6.67 -14.73 15.80
C GLN A 321 -6.23 -14.00 17.07
N SER A 322 -6.56 -14.57 18.22
CA SER A 322 -6.36 -13.95 19.54
C SER A 322 -5.76 -14.95 20.50
N LEU A 323 -4.78 -14.49 21.28
CA LEU A 323 -4.26 -15.28 22.38
C LEU A 323 -4.95 -14.84 23.70
N ASP A 324 -4.90 -15.69 24.71
CA ASP A 324 -5.51 -15.40 26.00
C ASP A 324 -5.04 -14.04 26.50
N ASN A 325 -6.01 -13.18 26.81
CA ASN A 325 -5.80 -11.78 27.12
C ASN A 325 -5.31 -11.60 28.54
N THR A 326 -4.30 -10.75 28.66
CA THR A 326 -3.48 -10.58 29.86
C THR A 326 -3.75 -9.25 30.59
N PHE A 327 -4.69 -8.46 30.06
CA PHE A 327 -4.90 -7.12 30.55
C PHE A 327 -5.95 -6.94 31.66
N THR A 328 -5.55 -6.17 32.67
CA THR A 328 -6.39 -5.79 33.81
C THR A 328 -6.17 -4.29 34.10
N LYS A 329 -7.26 -3.55 34.30
CA LYS A 329 -7.12 -2.11 34.59
C LYS A 329 -6.50 -1.86 35.96
N ILE A 330 -5.67 -0.86 36.02
CA ILE A 330 -4.97 -0.49 37.24
C ILE A 330 -5.40 0.93 37.64
N THR A 331 -5.82 1.08 38.90
CA THR A 331 -6.09 2.41 39.47
C THR A 331 -5.34 2.65 40.77
N ALA A 332 -4.94 3.91 41.00
CA ALA A 332 -4.15 4.32 42.17
C ALA A 332 -4.95 4.18 43.47
N ASN A 333 -4.28 3.73 44.54
CA ASN A 333 -4.95 3.40 45.81
C ASN A 333 -4.61 4.37 46.94
N ASN A 334 -3.60 5.20 46.72
CA ASN A 334 -3.18 6.14 47.73
C ASN A 334 -2.40 7.28 47.08
N LYS A 335 -2.04 8.30 47.87
CA LYS A 335 -1.44 9.50 47.33
C LYS A 335 -0.08 9.26 46.69
N ASP A 336 0.79 8.48 47.36
CA ASP A 336 2.10 8.19 46.79
C ASP A 336 1.97 7.51 45.43
N GLU A 337 1.00 6.62 45.30
CA GLU A 337 0.77 5.92 44.04
C GLU A 337 0.20 6.87 42.95
N GLN A 338 -0.75 7.73 43.32
CA GLN A 338 -1.24 8.79 42.41
C GLN A 338 -0.09 9.63 41.89
N ILE A 339 0.83 9.98 42.79
CA ILE A 339 1.98 10.82 42.40
C ILE A 339 2.84 10.08 41.35
N ARG A 340 3.14 8.82 41.62
CA ARG A 340 4.00 8.06 40.73
C ARG A 340 3.32 7.74 39.39
N PHE A 341 2.07 7.34 39.43
CA PHE A 341 1.30 7.14 38.19
C PHE A 341 1.19 8.48 37.45
N GLY A 342 1.00 9.57 38.19
CA GLY A 342 0.91 10.90 37.58
C GLY A 342 2.20 11.33 36.92
N GLN A 343 3.34 10.94 37.50
CA GLN A 343 4.62 11.26 36.88
C GLN A 343 4.69 10.67 35.47
N ARG A 344 4.20 9.44 35.33
CA ARG A 344 4.17 8.76 34.02
C ARG A 344 3.31 9.54 33.04
N VAL A 345 2.13 9.95 33.50
CA VAL A 345 1.21 10.72 32.65
C VAL A 345 1.87 12.04 32.27
N TYR A 346 2.50 12.70 33.27
CA TYR A 346 3.21 13.94 33.03
C TYR A 346 4.30 13.81 31.96
N GLU A 347 5.17 12.83 32.12
CA GLU A 347 6.30 12.70 31.20
C GLU A 347 5.85 12.31 29.78
N ALA A 348 4.79 11.49 29.71
CA ALA A 348 4.25 11.04 28.42
C ALA A 348 3.44 12.10 27.65
N ASN A 349 2.80 13.03 28.36
CA ASN A 349 1.79 13.94 27.74
C ASN A 349 1.96 15.44 27.95
N CYS A 350 2.65 15.85 29.02
CA CYS A 350 2.70 17.29 29.42
C CYS A 350 4.05 17.92 29.24
N MET A 351 5.08 17.09 29.39
CA MET A 351 6.46 17.55 29.46
C MET A 351 6.90 18.26 28.19
N ALA A 352 6.36 17.83 27.04
CA ALA A 352 6.78 18.40 25.76
C ALA A 352 6.63 19.92 25.75
N CYS A 353 5.71 20.43 26.56
CA CYS A 353 5.53 21.87 26.69
C CYS A 353 6.02 22.40 28.03
N HIS A 354 5.55 21.80 29.11
CA HIS A 354 5.84 22.34 30.47
C HIS A 354 7.20 21.91 31.03
N GLN A 355 7.88 21.01 30.33
CA GLN A 355 9.29 20.65 30.59
C GLN A 355 9.51 19.69 31.77
N ALA A 356 10.70 19.08 31.79
CA ALA A 356 11.00 18.01 32.75
C ALA A 356 10.87 18.46 34.21
N ASN A 357 11.28 19.70 34.50
CA ASN A 357 11.13 20.21 35.86
C ASN A 357 10.04 21.27 36.01
N GLY A 358 9.04 21.23 35.13
CA GLY A 358 7.86 22.08 35.28
C GLY A 358 8.13 23.56 35.01
N GLU A 359 9.29 23.87 34.44
CA GLU A 359 9.69 25.27 34.26
C GLU A 359 9.05 25.95 33.04
N GLY A 360 8.48 25.16 32.14
CA GLY A 360 7.95 25.67 30.87
C GLY A 360 8.99 26.35 30.02
N ILE A 361 8.53 27.24 29.13
CA ILE A 361 9.42 28.08 28.33
C ILE A 361 8.92 29.51 28.51
N PRO A 362 9.74 30.39 29.14
CA PRO A 362 9.32 31.78 29.43
C PRO A 362 8.67 32.44 28.23
N GLY A 363 7.51 33.05 28.46
CA GLY A 363 6.81 33.78 27.44
C GLY A 363 5.94 32.92 26.54
N ALA A 364 5.96 31.60 26.74
CA ALA A 364 5.28 30.71 25.78
C ALA A 364 4.50 29.62 26.49
N PHE A 365 5.18 28.82 27.31
CA PHE A 365 4.49 27.80 28.08
C PHE A 365 4.77 28.13 29.53
N PRO A 366 3.72 28.41 30.31
CA PRO A 366 3.91 28.88 31.69
C PRO A 366 4.43 27.74 32.58
N PRO A 367 5.09 28.09 33.70
CA PRO A 367 5.62 27.08 34.60
C PRO A 367 4.50 26.40 35.40
N LEU A 368 4.67 25.10 35.63
CA LEU A 368 3.88 24.37 36.60
C LEU A 368 4.60 24.36 37.96
N ALA A 369 5.90 24.63 37.94
CA ALA A 369 6.73 24.69 39.14
C ALA A 369 6.33 25.91 39.97
N LYS A 370 6.07 25.68 41.25
CA LYS A 370 5.62 26.74 42.18
C LYS A 370 4.58 27.65 41.54
N SER A 371 3.53 27.06 40.98
CA SER A 371 2.52 27.79 40.23
C SER A 371 1.39 28.24 41.15
N ASP A 372 1.34 29.54 41.47
CA ASP A 372 0.23 30.02 42.32
C ASP A 372 -1.12 29.79 41.63
N TYR A 373 -1.13 29.86 40.29
CA TYR A 373 -2.35 29.64 39.52
C TYR A 373 -2.96 28.30 39.87
N LEU A 374 -2.12 27.25 39.86
CA LEU A 374 -2.58 25.90 40.16
C LEU A 374 -2.79 25.74 41.66
N ASN A 375 -1.83 26.19 42.46
CA ASN A 375 -1.93 25.99 43.91
C ASN A 375 -3.15 26.65 44.55
N ASN A 376 -3.54 27.81 44.03
CA ASN A 376 -4.72 28.53 44.54
C ASN A 376 -6.05 27.85 44.23
N ASN A 377 -6.10 27.11 43.13
CA ASN A 377 -7.27 26.28 42.80
C ASN A 377 -6.90 25.12 41.85
N PRO A 378 -6.52 23.97 42.44
CA PRO A 378 -6.08 22.83 41.61
C PRO A 378 -7.12 22.38 40.56
N LEU A 379 -8.40 22.70 40.79
CA LEU A 379 -9.43 22.36 39.80
C LEU A 379 -9.28 23.13 38.48
N LEU A 380 -8.54 24.24 38.52
CA LEU A 380 -8.21 24.97 37.31
C LEU A 380 -7.26 24.13 36.41
N GLY A 381 -6.37 23.36 37.05
CA GLY A 381 -5.46 22.45 36.33
C GLY A 381 -6.27 21.34 35.71
N VAL A 382 -7.24 20.83 36.48
CA VAL A 382 -8.16 19.82 35.96
C VAL A 382 -8.93 20.34 34.73
N ASN A 383 -9.47 21.54 34.85
CA ASN A 383 -10.23 22.15 33.75
C ASN A 383 -9.36 22.43 32.53
N ALA A 384 -8.13 22.87 32.77
CA ALA A 384 -7.21 23.16 31.67
C ALA A 384 -7.05 21.94 30.75
N ILE A 385 -6.96 20.75 31.36
CA ILE A 385 -6.81 19.50 30.59
C ILE A 385 -8.11 19.13 29.87
N ILE A 386 -9.22 19.11 30.61
CA ILE A 386 -10.52 18.71 30.07
C ILE A 386 -10.98 19.65 28.95
N LYS A 387 -10.90 20.96 29.20
CA LYS A 387 -11.52 21.95 28.29
C LYS A 387 -10.50 22.70 27.46
N GLY A 388 -9.22 22.54 27.79
CA GLY A 388 -8.20 23.40 27.24
C GLY A 388 -8.16 24.70 28.03
N LEU A 389 -7.16 25.52 27.78
CA LEU A 389 -7.06 26.81 28.44
C LEU A 389 -6.47 27.79 27.44
N SER A 390 -7.18 28.91 27.24
CA SER A 390 -6.67 29.96 26.35
C SER A 390 -6.99 31.33 26.93
N GLY A 391 -6.33 32.36 26.41
CA GLY A 391 -6.62 33.72 26.85
C GLY A 391 -5.73 34.13 27.99
N PRO A 392 -5.87 35.39 28.43
CA PRO A 392 -5.04 35.94 29.50
C PRO A 392 -5.15 35.15 30.79
N ILE A 393 -4.00 34.77 31.34
CA ILE A 393 -3.93 34.27 32.70
C ILE A 393 -2.72 34.90 33.36
N LYS A 394 -2.62 34.72 34.67
CA LYS A 394 -1.46 35.20 35.39
C LYS A 394 -0.87 34.04 36.18
N VAL A 395 0.44 33.82 36.03
CA VAL A 395 1.16 32.81 36.80
C VAL A 395 2.37 33.46 37.45
N ASN A 396 2.37 33.44 38.78
CA ASN A 396 3.41 34.11 39.60
C ASN A 396 3.65 35.54 39.15
N ASN A 397 2.55 36.27 38.97
CA ASN A 397 2.59 37.68 38.57
C ASN A 397 3.14 37.91 37.16
N VAL A 398 3.23 36.85 36.36
CA VAL A 398 3.65 36.97 34.96
C VAL A 398 2.42 36.73 34.10
N ASN A 399 2.22 37.57 33.10
CA ASN A 399 1.10 37.43 32.20
C ASN A 399 1.37 36.38 31.14
N TYR A 400 0.40 35.53 30.90
CA TYR A 400 0.44 34.61 29.75
C TYR A 400 -0.82 34.76 28.94
N ASN A 401 -0.69 34.47 27.66
CA ASN A 401 -1.79 34.54 26.75
C ASN A 401 -1.69 33.45 25.69
N GLY A 402 -1.31 32.23 26.06
CA GLY A 402 -1.16 31.17 25.06
C GLY A 402 -2.38 30.30 24.94
N VAL A 403 -2.26 29.21 24.18
CA VAL A 403 -3.33 28.24 24.12
C VAL A 403 -2.86 26.81 24.40
N MET A 404 -3.41 26.27 25.47
CA MET A 404 -3.25 24.86 25.78
C MET A 404 -4.42 24.14 25.14
N PRO A 405 -4.13 23.17 24.25
CA PRO A 405 -5.21 22.35 23.73
C PRO A 405 -5.91 21.57 24.81
N ALA A 406 -7.20 21.30 24.61
CA ALA A 406 -7.88 20.27 25.39
C ALA A 406 -7.23 18.93 25.08
N MET A 407 -7.12 18.06 26.09
CA MET A 407 -6.50 16.76 25.88
C MET A 407 -7.41 15.70 26.45
N ASN A 408 -7.68 14.65 25.66
CA ASN A 408 -8.71 13.69 26.04
C ASN A 408 -8.30 12.64 27.08
N LEU A 409 -7.60 13.06 28.13
CA LEU A 409 -7.20 12.13 29.20
C LEU A 409 -8.42 11.76 30.05
N ASN A 410 -8.41 10.54 30.60
CA ASN A 410 -9.50 10.05 31.42
C ASN A 410 -9.38 10.59 32.85
N ASP A 411 -10.40 10.33 33.68
CA ASP A 411 -10.48 10.86 35.05
C ASP A 411 -9.30 10.44 35.90
N GLU A 412 -8.94 9.17 35.82
CA GLU A 412 -7.83 8.64 36.60
C GLU A 412 -6.53 9.34 36.25
N ASP A 413 -6.25 9.46 34.94
CA ASP A 413 -5.00 10.06 34.51
C ASP A 413 -4.91 11.54 34.88
N ILE A 414 -6.02 12.25 34.75
CA ILE A 414 -6.06 13.67 35.13
C ILE A 414 -5.85 13.85 36.63
N ALA A 415 -6.56 13.05 37.41
CA ALA A 415 -6.46 13.12 38.86
C ALA A 415 -5.02 12.87 39.27
N ASN A 416 -4.40 11.85 38.67
CA ASN A 416 -3.01 11.49 38.99
C ASN A 416 -1.98 12.52 38.57
N VAL A 417 -2.08 13.03 37.35
CA VAL A 417 -1.12 14.04 36.87
C VAL A 417 -1.23 15.34 37.68
N ILE A 418 -2.44 15.77 38.04
CA ILE A 418 -2.58 16.98 38.84
C ILE A 418 -2.00 16.75 40.25
N THR A 419 -2.26 15.57 40.82
CA THR A 419 -1.67 15.20 42.13
C THR A 419 -0.13 15.17 42.09
N PHE A 420 0.43 14.57 41.04
CA PHE A 420 1.88 14.59 40.83
C PHE A 420 2.41 16.04 40.84
N VAL A 421 1.80 16.90 40.04
CA VAL A 421 2.28 18.29 39.92
C VAL A 421 2.20 19.00 41.28
N LEU A 422 1.09 18.81 41.98
CA LEU A 422 0.90 19.46 43.31
C LEU A 422 1.96 19.04 44.34
N ASN A 423 2.53 17.86 44.14
CA ASN A 423 3.50 17.31 45.08
C ASN A 423 4.92 17.39 44.56
N ASN A 424 5.14 18.23 43.56
CA ASN A 424 6.48 18.51 43.12
C ASN A 424 6.74 19.99 43.09
N TRP A 425 8.01 20.35 42.95
CA TRP A 425 8.43 21.71 42.58
C TRP A 425 7.87 22.78 43.52
N ASP A 426 7.88 22.47 44.82
CA ASP A 426 7.42 23.38 45.88
C ASP A 426 5.96 23.80 45.73
N ASN A 427 5.14 22.94 45.10
CA ASN A 427 3.72 23.20 45.03
C ASN A 427 3.00 22.83 46.33
N ALA A 428 1.69 23.03 46.38
CA ALA A 428 0.91 23.04 47.63
C ALA A 428 0.64 21.67 48.27
N GLY A 429 0.93 20.60 47.55
CA GLY A 429 0.61 19.26 48.03
C GLY A 429 -0.88 19.02 47.94
N GLY A 430 -1.35 18.03 48.69
CA GLY A 430 -2.74 17.61 48.58
C GLY A 430 -2.89 16.67 47.40
N LYS A 431 -4.13 16.42 47.01
CA LYS A 431 -4.41 15.51 45.91
C LYS A 431 -5.76 15.82 45.31
N VAL A 432 -5.98 15.28 44.11
CA VAL A 432 -7.27 15.34 43.45
C VAL A 432 -7.64 13.91 43.09
N SER A 433 -8.89 13.55 43.30
CA SER A 433 -9.37 12.19 43.01
C SER A 433 -10.07 12.11 41.65
N ALA A 434 -10.19 10.89 41.13
CA ALA A 434 -10.89 10.62 39.88
C ALA A 434 -12.35 11.10 39.93
N GLU A 435 -12.99 10.95 41.08
CA GLU A 435 -14.39 11.39 41.22
C GLU A 435 -14.51 12.92 41.23
N GLN A 436 -13.52 13.61 41.82
CA GLN A 436 -13.48 15.06 41.71
C GLN A 436 -13.33 15.49 40.24
N VAL A 437 -12.47 14.79 39.49
CA VAL A 437 -12.32 15.08 38.05
C VAL A 437 -13.63 14.84 37.29
N ALA A 438 -14.28 13.70 37.55
CA ALA A 438 -15.56 13.36 36.91
C ALA A 438 -16.57 14.50 37.09
N LYS A 439 -16.63 15.07 38.28
CA LYS A 439 -17.62 16.11 38.54
C LYS A 439 -17.27 17.46 37.89
N GLN A 440 -15.98 17.70 37.62
CA GLN A 440 -15.56 18.86 36.81
C GLN A 440 -16.01 18.77 35.33
N ARG A 441 -16.23 17.55 34.85
CA ARG A 441 -16.76 17.34 33.50
C ARG A 441 -18.24 17.75 33.40
#